data_5J0J
#
_entry.id   5J0J
#
_cell.length_a   50.010
_cell.length_b   34.386
_cell.length_c   61.542
_cell.angle_alpha   90.00
_cell.angle_beta   92.40
_cell.angle_gamma   90.00
#
_symmetry.space_group_name_H-M   'P 1 21 1'
#
loop_
_entity.id
_entity.type
_entity.pdbx_description
1 polymer 'designed protein 2L6HC3_6'
2 water water
#
_entity_poly.entity_id   1
_entity_poly.type   'polypeptide(L)'
_entity_poly.pdbx_seq_one_letter_code
;GSHMGTKYKIKETLKRLEDSLRELRRILEELKEMLERLEKNPDKDVIVEVLKVIVKAIEASVENQRISAENQKALAESD
;
_entity_poly.pdbx_strand_id   A,B,C
#
# COMPACT_ATOMS: atom_id res chain seq x y z
N LYS A 7 -14.85 4.24 23.15
CA LYS A 7 -15.22 5.26 22.18
C LYS A 7 -14.21 6.41 22.18
N TYR A 8 -13.65 6.70 23.35
CA TYR A 8 -12.55 7.66 23.43
C TYR A 8 -11.39 7.16 22.58
N LYS A 9 -11.17 5.85 22.62
CA LYS A 9 -10.11 5.23 21.85
C LYS A 9 -10.41 5.33 20.36
N ILE A 10 -11.67 5.18 19.98
CA ILE A 10 -12.08 5.29 18.58
C ILE A 10 -11.75 6.67 18.04
N LYS A 11 -12.18 7.71 18.75
CA LYS A 11 -11.87 9.08 18.39
C LYS A 11 -10.36 9.30 18.33
N GLU A 12 -9.66 8.71 19.30
CA GLU A 12 -8.21 8.86 19.37
C GLU A 12 -7.53 8.16 18.19
N THR A 13 -8.03 6.98 17.84
CA THR A 13 -7.44 6.21 16.75
C THR A 13 -7.69 6.87 15.40
N LEU A 14 -8.88 7.44 15.23
CA LEU A 14 -9.20 8.17 14.02
C LEU A 14 -8.25 9.34 13.85
N LYS A 15 -7.97 10.03 14.96
CA LYS A 15 -7.03 11.13 14.96
C LYS A 15 -5.65 10.61 14.60
N ARG A 16 -5.33 9.42 15.09
CA ARG A 16 -4.05 8.79 14.80
C ARG A 16 -4.05 8.36 13.33
N LEU A 17 -5.14 7.75 12.90
CA LEU A 17 -5.30 7.32 11.52
C LEU A 17 -5.16 8.51 10.59
N GLU A 18 -5.67 9.66 11.04
CA GLU A 18 -5.61 10.89 10.27
C GLU A 18 -4.16 11.38 10.12
N ASP A 19 -3.39 11.30 11.20
CA ASP A 19 -2.00 11.74 11.17
C ASP A 19 -1.14 10.84 10.30
N SER A 20 -1.43 9.54 10.33
CA SER A 20 -0.70 8.57 9.51
C SER A 20 -0.91 8.86 8.02
N LEU A 21 -2.13 9.27 7.69
CA LEU A 21 -2.47 9.61 6.31
C LEU A 21 -1.67 10.81 5.81
N ARG A 22 -1.61 11.86 6.64
CA ARG A 22 -0.86 13.07 6.28
C ARG A 22 0.59 12.73 6.00
N GLU A 23 1.15 11.84 6.82
CA GLU A 23 2.52 11.41 6.63
C GLU A 23 2.67 10.65 5.32
N LEU A 24 1.65 9.87 4.95
CA LEU A 24 1.68 9.12 3.70
C LEU A 24 1.79 10.05 2.50
N ARG A 25 0.91 11.06 2.45
CA ARG A 25 0.91 12.02 1.36
C ARG A 25 2.23 12.77 1.27
N ARG A 26 2.83 13.05 2.43
CA ARG A 26 4.12 13.72 2.47
C ARG A 26 5.19 12.84 1.83
N ILE A 27 5.15 11.54 2.15
CA ILE A 27 6.06 10.58 1.57
C ILE A 27 5.75 10.39 0.09
N LEU A 28 4.46 10.41 -0.24
CA LEU A 28 4.03 10.23 -1.61
C LEU A 28 4.55 11.36 -2.50
N GLU A 29 4.47 12.59 -1.98
CA GLU A 29 5.00 13.75 -2.68
C GLU A 29 6.50 13.63 -2.84
N GLU A 30 7.17 13.23 -1.77
CA GLU A 30 8.61 12.99 -1.80
C GLU A 30 8.92 11.93 -2.85
N LEU A 31 8.12 10.86 -2.84
CA LEU A 31 8.30 9.76 -3.76
C LEU A 31 8.07 10.21 -5.20
N LYS A 32 7.07 11.06 -5.39
CA LYS A 32 6.74 11.57 -6.72
C LYS A 32 7.80 12.52 -7.24
N GLU A 33 8.46 13.23 -6.32
CA GLU A 33 9.56 14.11 -6.69
C GLU A 33 10.71 13.30 -7.29
N MET A 34 11.19 12.34 -6.52
CA MET A 34 12.34 11.53 -6.92
C MET A 34 12.06 10.71 -8.18
N LEU A 35 10.79 10.51 -8.50
CA LEU A 35 10.42 9.72 -9.66
C LEU A 35 10.79 10.47 -10.94
N GLU A 36 10.69 11.80 -10.92
CA GLU A 36 11.14 12.63 -12.02
C GLU A 36 12.55 13.14 -11.75
N ARG A 37 13.35 12.30 -11.09
CA ARG A 37 14.77 12.59 -10.85
C ARG A 37 15.61 11.38 -11.25
N LEU A 38 14.95 10.31 -11.64
CA LEU A 38 15.60 9.18 -12.30
C LEU A 38 15.23 9.21 -13.77
N GLU A 39 14.17 9.94 -14.10
CA GLU A 39 13.79 10.16 -15.49
C GLU A 39 14.80 11.09 -16.16
N LYS A 40 15.45 11.92 -15.35
CA LYS A 40 16.52 12.80 -15.83
C LYS A 40 17.86 12.07 -15.85
N ASN A 41 18.04 11.17 -14.89
CA ASN A 41 19.26 10.38 -14.77
C ASN A 41 18.92 8.89 -14.58
N PRO A 42 18.48 8.22 -15.66
CA PRO A 42 18.16 6.79 -15.58
C PRO A 42 19.38 5.92 -15.33
N ASP A 43 20.01 6.09 -14.17
CA ASP A 43 21.18 5.30 -13.80
C ASP A 43 21.01 4.67 -12.42
N LYS A 44 22.00 3.88 -12.03
CA LYS A 44 21.95 3.12 -10.79
C LYS A 44 22.05 4.01 -9.56
N ASP A 45 21.61 3.46 -8.44
CA ASP A 45 21.69 4.07 -7.11
C ASP A 45 20.86 5.32 -6.92
N VAL A 46 20.40 5.93 -7.99
CA VAL A 46 19.27 6.85 -7.93
C VAL A 46 18.01 5.99 -7.88
N ILE A 47 18.05 4.87 -8.61
CA ILE A 47 17.03 3.84 -8.52
C ILE A 47 16.96 3.32 -7.09
N VAL A 48 18.11 3.18 -6.45
CA VAL A 48 18.19 2.70 -5.07
C VAL A 48 17.60 3.74 -4.12
N GLU A 49 17.81 5.02 -4.41
CA GLU A 49 17.26 6.09 -3.60
C GLU A 49 15.74 6.03 -3.58
N VAL A 50 15.16 5.67 -4.71
CA VAL A 50 13.71 5.58 -4.83
C VAL A 50 13.18 4.35 -4.11
N LEU A 51 13.85 3.22 -4.31
CA LEU A 51 13.47 1.97 -3.64
C LEU A 51 13.42 2.18 -2.13
N LYS A 52 14.36 2.96 -1.60
CA LYS A 52 14.36 3.28 -0.18
C LYS A 52 13.07 3.99 0.21
N VAL A 53 12.64 4.93 -0.63
CA VAL A 53 11.47 5.75 -0.33
C VAL A 53 10.19 4.95 -0.59
N ILE A 54 10.25 3.99 -1.51
CA ILE A 54 9.11 3.13 -1.79
C ILE A 54 8.83 2.24 -0.58
N VAL A 55 9.86 1.62 -0.03
CA VAL A 55 9.70 0.77 1.14
C VAL A 55 9.22 1.60 2.31
N LYS A 56 9.71 2.84 2.39
CA LYS A 56 9.26 3.76 3.41
C LYS A 56 7.78 4.03 3.26
N ALA A 57 7.35 4.28 2.02
CA ALA A 57 5.93 4.53 1.75
C ALA A 57 5.10 3.30 2.11
N ILE A 58 5.59 2.12 1.74
CA ILE A 58 4.88 0.88 2.01
C ILE A 58 4.82 0.62 3.51
N GLU A 59 5.93 0.86 4.20
CA GLU A 59 5.97 0.69 5.65
C GLU A 59 4.94 1.60 6.30
N ALA A 60 4.83 2.83 5.80
CA ALA A 60 3.86 3.79 6.30
C ALA A 60 2.44 3.35 5.93
N SER A 61 2.31 2.74 4.76
CA SER A 61 1.02 2.23 4.31
C SER A 61 0.54 1.08 5.22
N VAL A 62 1.42 0.13 5.50
CA VAL A 62 1.08 -1.01 6.34
C VAL A 62 0.75 -0.56 7.76
N GLU A 63 1.50 0.42 8.26
CA GLU A 63 1.25 0.98 9.58
C GLU A 63 -0.14 1.63 9.60
N ASN A 64 -0.49 2.33 8.52
CA ASN A 64 -1.80 2.96 8.42
C ASN A 64 -2.90 1.91 8.44
N GLN A 65 -2.67 0.79 7.77
CA GLN A 65 -3.63 -0.31 7.74
C GLN A 65 -3.72 -1.02 9.08
N ARG A 66 -2.60 -1.07 9.81
CA ARG A 66 -2.60 -1.68 11.14
C ARG A 66 -3.48 -0.87 12.07
N ILE A 67 -3.26 0.44 12.09
CA ILE A 67 -4.07 1.35 12.89
C ILE A 67 -5.54 1.29 12.48
N SER A 68 -5.77 1.11 11.18
CA SER A 68 -7.12 1.05 10.64
C SER A 68 -7.89 -0.17 11.15
N ALA A 69 -7.25 -1.34 11.07
CA ALA A 69 -7.86 -2.58 11.53
C ALA A 69 -8.05 -2.58 13.04
N GLU A 70 -7.06 -2.08 13.74
CA GLU A 70 -7.14 -1.92 15.19
C GLU A 70 -8.39 -1.11 15.56
N ASN A 71 -8.69 -0.12 14.75
CA ASN A 71 -9.85 0.73 14.99
C ASN A 71 -11.16 0.03 14.62
N GLN A 72 -11.11 -0.90 13.69
CA GLN A 72 -12.26 -1.67 13.28
C GLN A 72 -12.62 -2.73 14.28
N LYS A 73 -11.62 -3.21 14.96
CA LYS A 73 -11.85 -4.14 16.06
C LYS A 73 -12.61 -3.44 17.19
N ALA A 74 -12.44 -2.12 17.26
CA ALA A 74 -13.09 -1.32 18.30
C ALA A 74 -14.54 -0.99 17.93
N LEU A 75 -14.77 -0.70 16.65
CA LEU A 75 -16.11 -0.38 16.17
C LEU A 75 -17.05 -1.57 16.35
N ALA A 76 -16.47 -2.78 16.37
CA ALA A 76 -17.25 -4.00 16.54
C ALA A 76 -17.62 -4.21 18.00
N TYR B 8 -19.11 -13.61 12.87
CA TYR B 8 -20.34 -13.65 12.12
C TYR B 8 -20.41 -12.52 11.15
N LYS B 9 -19.67 -12.67 10.11
CA LYS B 9 -19.45 -11.60 9.17
C LYS B 9 -18.53 -10.74 9.93
N ILE B 10 -19.05 -9.94 10.83
CA ILE B 10 -18.21 -9.04 11.57
C ILE B 10 -17.07 -9.79 12.23
N LYS B 11 -17.41 -10.71 13.09
CA LYS B 11 -16.42 -11.54 13.75
C LYS B 11 -15.52 -12.31 12.80
N GLU B 12 -16.07 -12.85 11.73
CA GLU B 12 -15.25 -13.67 10.83
C GLU B 12 -14.46 -12.81 9.83
N THR B 13 -15.07 -11.75 9.37
CA THR B 13 -14.38 -10.81 8.49
C THR B 13 -13.21 -10.15 9.23
N LEU B 14 -13.42 -9.88 10.49
CA LEU B 14 -12.40 -9.27 11.32
C LEU B 14 -11.24 -10.24 11.50
N LYS B 15 -11.54 -11.53 11.56
CA LYS B 15 -10.51 -12.56 11.69
C LYS B 15 -9.72 -12.69 10.39
N ARG B 16 -10.41 -12.60 9.26
CA ARG B 16 -9.74 -12.61 7.96
C ARG B 16 -8.82 -11.41 7.85
N LEU B 17 -9.28 -10.26 8.32
CA LEU B 17 -8.48 -9.05 8.31
C LEU B 17 -7.20 -9.23 9.12
N GLU B 18 -7.32 -9.91 10.26
CA GLU B 18 -6.17 -10.16 11.13
C GLU B 18 -5.12 -11.01 10.42
N ASP B 19 -5.58 -12.06 9.74
CA ASP B 19 -4.66 -12.95 9.03
C ASP B 19 -4.02 -12.23 7.86
N SER B 20 -4.82 -11.47 7.12
CA SER B 20 -4.33 -10.74 5.96
C SER B 20 -3.29 -9.71 6.40
N LEU B 21 -3.54 -9.05 7.52
CA LEU B 21 -2.62 -8.06 8.04
C LEU B 21 -1.31 -8.71 8.48
N ARG B 22 -1.41 -9.88 9.09
CA ARG B 22 -0.23 -10.66 9.47
C ARG B 22 0.58 -11.02 8.22
N GLU B 23 -0.11 -11.50 7.19
CA GLU B 23 0.55 -11.83 5.94
C GLU B 23 1.30 -10.63 5.39
N LEU B 24 0.67 -9.46 5.49
CA LEU B 24 1.24 -8.23 4.96
C LEU B 24 2.48 -7.81 5.75
N ARG B 25 2.36 -7.84 7.08
CA ARG B 25 3.47 -7.46 7.94
C ARG B 25 4.67 -8.39 7.76
N ARG B 26 4.40 -9.66 7.45
CA ARG B 26 5.47 -10.64 7.24
C ARG B 26 6.26 -10.29 5.99
N ILE B 27 5.54 -10.01 4.90
CA ILE B 27 6.16 -9.63 3.63
C ILE B 27 6.94 -8.34 3.79
N LEU B 28 6.46 -7.47 4.67
CA LEU B 28 7.14 -6.21 4.92
C LEU B 28 8.49 -6.44 5.60
N GLU B 29 8.55 -7.42 6.51
CA GLU B 29 9.80 -7.78 7.16
C GLU B 29 10.81 -8.28 6.15
N GLU B 30 10.34 -9.07 5.19
CA GLU B 30 11.19 -9.56 4.11
C GLU B 30 11.68 -8.41 3.24
N LEU B 31 10.76 -7.50 2.91
CA LEU B 31 11.07 -6.34 2.10
C LEU B 31 12.11 -5.45 2.80
N LYS B 32 12.00 -5.37 4.12
CA LYS B 32 12.91 -4.56 4.92
C LYS B 32 14.33 -5.12 4.88
N GLU B 33 14.43 -6.45 4.91
CA GLU B 33 15.73 -7.11 4.82
C GLU B 33 16.33 -6.99 3.42
N MET B 34 15.50 -7.14 2.41
CA MET B 34 15.96 -7.03 1.01
C MET B 34 16.53 -5.65 0.74
N LEU B 35 16.01 -4.64 1.42
CA LEU B 35 16.47 -3.27 1.24
C LEU B 35 17.87 -3.10 1.82
N GLU B 36 18.09 -3.67 3.01
CA GLU B 36 19.40 -3.61 3.65
C GLU B 36 20.45 -4.31 2.78
N ARG B 37 20.05 -5.40 2.13
CA ARG B 37 20.94 -6.09 1.20
C ARG B 37 21.29 -5.20 0.02
N LEU B 38 20.42 -4.25 -0.28
CA LEU B 38 20.62 -3.34 -1.41
C LEU B 38 21.57 -2.20 -1.04
N GLU B 39 21.67 -1.92 0.26
CA GLU B 39 22.54 -0.85 0.75
C GLU B 39 23.97 -1.34 0.87
N LYS B 40 24.08 -2.65 0.76
CA LYS B 40 25.33 -3.34 0.77
C LYS B 40 25.89 -3.31 -0.62
N ASN B 41 25.26 -4.07 -1.51
CA ASN B 41 25.67 -4.06 -2.91
C ASN B 41 24.51 -3.89 -3.83
N PRO B 42 24.25 -2.57 -4.19
CA PRO B 42 23.46 -2.47 -5.42
C PRO B 42 24.00 -3.30 -6.57
N ASP B 43 23.16 -4.16 -7.14
CA ASP B 43 23.52 -5.02 -8.26
C ASP B 43 22.47 -4.90 -9.36
N LYS B 44 22.24 -5.97 -10.10
CA LYS B 44 21.18 -6.00 -11.08
C LYS B 44 20.23 -7.03 -10.62
N ASP B 45 20.76 -8.20 -10.32
CA ASP B 45 19.84 -9.22 -9.82
C ASP B 45 19.26 -8.81 -8.47
N VAL B 46 20.05 -8.09 -7.68
CA VAL B 46 19.62 -7.63 -6.37
C VAL B 46 18.42 -6.70 -6.49
N ILE B 47 18.55 -5.70 -7.35
CA ILE B 47 17.48 -4.73 -7.56
C ILE B 47 16.19 -5.44 -7.97
N VAL B 48 16.30 -6.34 -8.93
CA VAL B 48 15.15 -7.08 -9.41
C VAL B 48 14.50 -7.87 -8.28
N GLU B 49 15.33 -8.38 -7.37
CA GLU B 49 14.84 -9.15 -6.23
C GLU B 49 14.00 -8.28 -5.30
N VAL B 50 14.35 -6.99 -5.18
CA VAL B 50 13.61 -6.08 -4.33
C VAL B 50 12.28 -5.69 -4.97
N LEU B 51 12.29 -5.47 -6.28
CA LEU B 51 11.06 -5.10 -6.99
C LEU B 51 10.02 -6.21 -6.89
N LYS B 52 10.48 -7.45 -6.98
CA LYS B 52 9.58 -8.60 -6.91
C LYS B 52 8.91 -8.69 -5.53
N VAL B 53 9.66 -8.40 -4.48
CA VAL B 53 9.12 -8.41 -3.12
C VAL B 53 8.16 -7.24 -2.92
N ILE B 54 8.47 -6.11 -3.54
CA ILE B 54 7.61 -4.93 -3.46
C ILE B 54 6.25 -5.20 -4.08
N VAL B 55 6.22 -5.96 -5.17
CA VAL B 55 4.97 -6.29 -5.84
C VAL B 55 4.11 -7.21 -4.99
N LYS B 56 4.74 -8.18 -4.34
CA LYS B 56 4.02 -9.08 -3.45
C LYS B 56 3.45 -8.33 -2.27
N ALA B 57 4.17 -7.31 -1.81
CA ALA B 57 3.70 -6.49 -0.70
C ALA B 57 2.47 -5.70 -1.12
N ILE B 58 2.51 -5.13 -2.32
CA ILE B 58 1.38 -4.40 -2.86
C ILE B 58 0.20 -5.34 -3.05
N GLU B 59 0.46 -6.52 -3.61
CA GLU B 59 -0.59 -7.52 -3.75
C GLU B 59 -1.20 -7.84 -2.40
N ALA B 60 -0.35 -8.05 -1.41
CA ALA B 60 -0.82 -8.34 -0.06
C ALA B 60 -1.62 -7.18 0.52
N SER B 61 -1.22 -5.96 0.18
CA SER B 61 -1.87 -4.76 0.69
C SER B 61 -3.24 -4.55 0.07
N VAL B 62 -3.33 -4.77 -1.24
CA VAL B 62 -4.61 -4.69 -1.94
C VAL B 62 -5.58 -5.74 -1.40
N GLU B 63 -5.06 -6.93 -1.08
CA GLU B 63 -5.87 -8.00 -0.55
C GLU B 63 -6.37 -7.63 0.86
N ASN B 64 -5.50 -7.04 1.65
CA ASN B 64 -5.89 -6.59 2.99
C ASN B 64 -6.93 -5.48 2.93
N GLN B 65 -6.80 -4.59 1.96
CA GLN B 65 -7.73 -3.49 1.81
C GLN B 65 -9.09 -4.00 1.33
N ARG B 66 -9.09 -5.05 0.50
CA ARG B 66 -10.34 -5.66 0.05
C ARG B 66 -11.07 -6.32 1.22
N ILE B 67 -10.31 -7.02 2.05
CA ILE B 67 -10.88 -7.68 3.23
C ILE B 67 -11.36 -6.64 4.23
N SER B 68 -10.62 -5.54 4.33
CA SER B 68 -11.02 -4.46 5.24
C SER B 68 -12.35 -3.86 4.80
N ALA B 69 -12.54 -3.72 3.49
CA ALA B 69 -13.77 -3.14 2.97
C ALA B 69 -14.95 -4.04 3.27
N GLU B 70 -14.75 -5.35 3.16
CA GLU B 70 -15.80 -6.30 3.49
C GLU B 70 -16.13 -6.20 4.98
N ASN B 71 -15.13 -6.04 5.82
CA ASN B 71 -15.35 -5.85 7.24
C ASN B 71 -16.15 -4.56 7.51
N GLN B 72 -15.93 -3.56 6.70
CA GLN B 72 -16.67 -2.34 6.82
C GLN B 72 -18.10 -2.49 6.32
N LYS B 73 -18.29 -3.27 5.27
CA LYS B 73 -19.63 -3.59 4.79
C LYS B 73 -20.47 -4.20 5.92
N ALA B 74 -19.88 -5.16 6.62
CA ALA B 74 -20.56 -5.85 7.71
C ALA B 74 -20.92 -4.87 8.83
N LEU B 75 -19.96 -4.03 9.21
CA LEU B 75 -20.17 -3.03 10.25
C LEU B 75 -21.36 -2.14 9.92
N ALA B 76 -21.48 -1.78 8.65
CA ALA B 76 -22.60 -0.96 8.19
C ALA B 76 -23.90 -1.75 8.23
N THR C 6 -27.02 9.36 8.17
CA THR C 6 -25.64 8.88 7.88
C THR C 6 -25.66 7.67 6.95
N LYS C 7 -26.85 7.35 6.43
CA LYS C 7 -27.00 6.18 5.56
C LYS C 7 -26.41 6.45 4.19
N TYR C 8 -26.73 7.61 3.61
CA TYR C 8 -26.20 7.97 2.31
C TYR C 8 -24.67 8.04 2.37
N LYS C 9 -24.16 8.58 3.47
CA LYS C 9 -22.72 8.77 3.62
C LYS C 9 -21.98 7.43 3.54
N ILE C 10 -22.39 6.48 4.37
CA ILE C 10 -21.74 5.17 4.44
C ILE C 10 -21.80 4.45 3.09
N LYS C 11 -22.97 4.38 2.49
CA LYS C 11 -23.14 3.62 1.25
C LYS C 11 -22.49 4.32 0.05
N GLU C 12 -22.42 5.64 0.10
CA GLU C 12 -21.78 6.38 -0.98
C GLU C 12 -20.26 6.18 -0.93
N THR C 13 -19.73 6.13 0.28
CA THR C 13 -18.29 5.92 0.47
C THR C 13 -17.90 4.48 0.13
N LEU C 14 -18.78 3.54 0.44
CA LEU C 14 -18.54 2.14 0.10
C LEU C 14 -18.47 1.96 -1.42
N LYS C 15 -19.29 2.69 -2.16
CA LYS C 15 -19.30 2.60 -3.61
C LYS C 15 -18.01 3.19 -4.17
N ARG C 16 -17.54 4.28 -3.59
CA ARG C 16 -16.27 4.88 -3.98
C ARG C 16 -15.10 3.99 -3.58
N LEU C 17 -15.24 3.35 -2.42
CA LEU C 17 -14.23 2.43 -1.93
C LEU C 17 -14.13 1.24 -2.88
N GLU C 18 -15.29 0.80 -3.37
CA GLU C 18 -15.35 -0.29 -4.34
C GLU C 18 -14.65 0.08 -5.63
N ASP C 19 -14.93 1.29 -6.13
CA ASP C 19 -14.31 1.76 -7.36
C ASP C 19 -12.80 1.90 -7.16
N SER C 20 -12.41 2.45 -6.03
CA SER C 20 -11.00 2.58 -5.67
C SER C 20 -10.30 1.21 -5.68
N LEU C 21 -10.98 0.18 -5.20
CA LEU C 21 -10.41 -1.15 -5.17
C LEU C 21 -10.26 -1.72 -6.57
N ARG C 22 -11.25 -1.45 -7.42
CA ARG C 22 -11.16 -1.91 -8.81
C ARG C 22 -9.95 -1.28 -9.48
N GLU C 23 -9.69 -0.02 -9.18
CA GLU C 23 -8.54 0.68 -9.75
C GLU C 23 -7.23 0.03 -9.29
N LEU C 24 -7.16 -0.34 -8.02
CA LEU C 24 -5.98 -0.98 -7.48
C LEU C 24 -5.68 -2.31 -8.18
N ARG C 25 -6.73 -3.10 -8.40
CA ARG C 25 -6.56 -4.39 -9.05
C ARG C 25 -6.11 -4.22 -10.50
N ARG C 26 -6.53 -3.14 -11.14
CA ARG C 26 -6.13 -2.88 -12.52
C ARG C 26 -4.65 -2.54 -12.58
N ILE C 27 -4.21 -1.66 -11.71
CA ILE C 27 -2.81 -1.24 -11.65
C ILE C 27 -1.91 -2.41 -11.27
N LEU C 28 -2.42 -3.27 -10.40
CA LEU C 28 -1.65 -4.42 -9.96
C LEU C 28 -1.49 -5.41 -11.11
N GLU C 29 -2.53 -5.53 -11.94
CA GLU C 29 -2.46 -6.37 -13.12
C GLU C 29 -1.36 -5.87 -14.04
N GLU C 30 -1.33 -4.55 -14.24
CA GLU C 30 -0.30 -3.92 -15.07
C GLU C 30 1.08 -4.09 -14.45
N LEU C 31 1.13 -4.08 -13.12
CA LEU C 31 2.40 -4.19 -12.41
C LEU C 31 2.96 -5.60 -12.56
N LYS C 32 2.07 -6.59 -12.68
CA LYS C 32 2.49 -7.97 -12.83
C LYS C 32 2.83 -8.31 -14.28
N GLU C 33 2.23 -7.56 -15.21
CA GLU C 33 2.54 -7.73 -16.63
C GLU C 33 3.94 -7.22 -16.91
N MET C 34 4.29 -6.09 -16.31
CA MET C 34 5.59 -5.47 -16.51
C MET C 34 6.68 -6.18 -15.73
N LEU C 35 6.29 -6.90 -14.69
CA LEU C 35 7.24 -7.67 -13.89
C LEU C 35 7.77 -8.84 -14.71
N GLU C 36 6.94 -9.38 -15.58
CA GLU C 36 7.33 -10.50 -16.44
C GLU C 36 8.30 -10.03 -17.52
N ARG C 37 8.18 -8.76 -17.93
CA ARG C 37 9.12 -8.16 -18.85
C ARG C 37 10.50 -8.09 -18.21
N LEU C 38 10.51 -7.68 -16.95
CA LEU C 38 11.74 -7.56 -16.18
C LEU C 38 12.51 -8.87 -16.12
N GLU C 39 11.78 -9.98 -16.04
CA GLU C 39 12.38 -11.31 -15.99
C GLU C 39 13.05 -11.69 -17.30
N LYS C 40 12.32 -11.53 -18.41
CA LYS C 40 12.82 -11.86 -19.74
C LYS C 40 14.12 -11.12 -20.05
N ASN C 41 14.26 -9.92 -19.49
CA ASN C 41 15.41 -9.07 -19.75
C ASN C 41 15.43 -7.86 -18.82
N PRO C 42 16.10 -7.98 -17.67
CA PRO C 42 16.07 -6.87 -16.73
C PRO C 42 16.87 -5.67 -17.21
N ASP C 43 16.31 -4.91 -18.15
CA ASP C 43 16.93 -3.66 -18.60
C ASP C 43 16.88 -2.64 -17.46
N LYS C 44 17.33 -1.42 -17.74
CA LYS C 44 17.31 -0.35 -16.75
C LYS C 44 16.15 0.61 -17.02
N ASP C 45 15.71 0.68 -18.27
CA ASP C 45 14.56 1.50 -18.65
C ASP C 45 13.26 0.81 -18.25
N VAL C 46 13.26 -0.52 -18.27
CA VAL C 46 12.12 -1.30 -17.82
C VAL C 46 11.97 -1.13 -16.31
N ILE C 47 13.08 -1.20 -15.59
CA ILE C 47 13.10 -0.94 -14.15
C ILE C 47 12.49 0.43 -13.84
N VAL C 48 12.83 1.42 -14.65
CA VAL C 48 12.28 2.77 -14.51
C VAL C 48 10.76 2.74 -14.63
N GLU C 49 10.26 2.04 -15.64
CA GLU C 49 8.82 1.98 -15.88
C GLU C 49 8.12 1.26 -14.74
N VAL C 50 8.72 0.18 -14.26
CA VAL C 50 8.17 -0.57 -13.13
C VAL C 50 8.06 0.31 -11.90
N LEU C 51 9.07 1.14 -11.66
CA LEU C 51 9.06 2.04 -10.51
C LEU C 51 7.91 3.03 -10.62
N LYS C 52 7.65 3.51 -11.83
CA LYS C 52 6.57 4.48 -12.05
C LYS C 52 5.20 3.89 -11.71
N VAL C 53 4.96 2.66 -12.15
CA VAL C 53 3.69 1.99 -11.87
C VAL C 53 3.56 1.65 -10.38
N ILE C 54 4.68 1.38 -9.73
CA ILE C 54 4.67 1.13 -8.29
C ILE C 54 4.21 2.38 -7.55
N VAL C 55 4.67 3.55 -8.00
CA VAL C 55 4.23 4.80 -7.39
C VAL C 55 2.76 5.06 -7.68
N LYS C 56 2.30 4.68 -8.87
CA LYS C 56 0.89 4.79 -9.20
C LYS C 56 0.06 3.87 -8.29
N ALA C 57 0.59 2.68 -8.02
CA ALA C 57 -0.08 1.72 -7.15
C ALA C 57 -0.16 2.28 -5.73
N ILE C 58 0.95 2.84 -5.26
CA ILE C 58 1.00 3.41 -3.92
C ILE C 58 0.07 4.62 -3.82
N GLU C 59 0.01 5.43 -4.88
CA GLU C 59 -0.93 6.53 -4.96
C GLU C 59 -2.35 6.00 -4.81
N ALA C 60 -2.69 5.02 -5.63
CA ALA C 60 -4.02 4.42 -5.60
C ALA C 60 -4.28 3.83 -4.21
N SER C 61 -3.25 3.27 -3.59
CA SER C 61 -3.41 2.64 -2.29
C SER C 61 -3.72 3.69 -1.23
N VAL C 62 -2.99 4.80 -1.24
CA VAL C 62 -3.23 5.88 -0.30
C VAL C 62 -4.62 6.45 -0.50
N GLU C 63 -5.03 6.59 -1.76
CA GLU C 63 -6.37 7.11 -2.06
C GLU C 63 -7.43 6.19 -1.49
N ASN C 64 -7.25 4.88 -1.64
CA ASN C 64 -8.17 3.93 -1.05
C ASN C 64 -8.23 4.03 0.45
N GLN C 65 -7.10 4.20 1.08
CA GLN C 65 -7.07 4.28 2.54
C GLN C 65 -7.73 5.56 3.02
N ARG C 66 -7.72 6.61 2.18
CA ARG C 66 -8.40 7.85 2.54
C ARG C 66 -9.90 7.62 2.61
N ILE C 67 -10.44 6.97 1.59
CA ILE C 67 -11.86 6.69 1.53
C ILE C 67 -12.25 5.76 2.68
N SER C 68 -11.37 4.82 3.00
CA SER C 68 -11.60 3.90 4.11
C SER C 68 -11.74 4.65 5.43
N ALA C 69 -10.80 5.57 5.68
CA ALA C 69 -10.85 6.38 6.90
C ALA C 69 -12.14 7.19 6.95
N GLU C 70 -12.56 7.71 5.80
CA GLU C 70 -13.83 8.42 5.68
C GLU C 70 -14.99 7.55 6.15
N ASN C 71 -14.99 6.30 5.73
CA ASN C 71 -16.06 5.40 6.07
C ASN C 71 -16.01 5.02 7.53
N GLN C 72 -14.84 5.02 8.10
CA GLN C 72 -14.72 4.71 9.51
C GLN C 72 -15.23 5.84 10.39
N LYS C 73 -15.08 7.08 9.93
CA LYS C 73 -15.66 8.23 10.61
C LYS C 73 -17.18 8.09 10.67
N ALA C 74 -17.78 7.80 9.52
CA ALA C 74 -19.23 7.65 9.41
C ALA C 74 -19.75 6.52 10.28
N LEU C 75 -19.02 5.41 10.31
CA LEU C 75 -19.42 4.27 11.10
C LEU C 75 -19.37 4.58 12.61
N ALA C 76 -18.51 5.51 12.99
CA ALA C 76 -18.33 5.85 14.41
C ALA C 76 -19.34 6.90 14.87
#